data_1QX6
#
_entry.id   1QX6
#
_cell.length_a   57.630
_cell.length_b   66.589
_cell.length_c   101.799
_cell.angle_alpha   90.00
_cell.angle_beta   90.00
_cell.angle_gamma   90.00
#
_symmetry.space_group_name_H-M   'C 2 2 21'
#
loop_
_entity.id
_entity.type
_entity.pdbx_description
1 polymer 'NPQTN specific sortase B'
2 non-polymer N-[N-[1-HYDROXYCARBOXYETHYL-CARBONYL]LEUCYLAMINO-BUTYL]-GUANIDINE
3 water water
#
_entity_poly.entity_id   1
_entity_poly.type   'polypeptide(L)'
_entity_poly.pdbx_seq_one_letter_code
;EDKQERANYEKLQQKFQ(MSE)L(MSE)SKHQAHVRPQFESLEKINKDIVGWIKLSGTSLNYPVLQGKTNHDYLNLDFER
EHRRKGSIF(MSE)DFRNELKNLNHNTILYGHHVGDNT(MSE)FDVLEDYLKQSFYEKHKIIEFDNKYGKYQLQVFSAYK
TTTKDNYIRTDFENDQDYQQFLDETKRKSVINSDVNVTVKDRI(MSE)TLSTCEDAYSETTKRIVVVAKIIKVS
;
_entity_poly.pdbx_strand_id   A
#
# COMPACT_ATOMS: atom_id res chain seq x y z
N GLU A 1 -0.80 8.34 -24.30
CA GLU A 1 -1.17 8.90 -22.97
C GLU A 1 -1.79 7.83 -22.07
N ASP A 2 -3.06 7.57 -22.27
CA ASP A 2 -3.78 6.57 -21.49
C ASP A 2 -3.19 5.18 -21.71
N LYS A 3 -2.39 5.04 -22.76
CA LYS A 3 -1.75 3.77 -23.08
C LYS A 3 -0.24 3.91 -22.89
N GLN A 4 0.21 5.15 -22.77
CA GLN A 4 1.62 5.42 -22.55
C GLN A 4 1.83 5.20 -21.04
N GLU A 5 0.78 5.47 -20.28
CA GLU A 5 0.82 5.30 -18.83
C GLU A 5 1.08 3.83 -18.51
N ARG A 6 0.47 2.95 -19.30
CA ARG A 6 0.65 1.53 -19.10
C ARG A 6 2.05 1.18 -19.60
N ALA A 7 2.52 1.93 -20.58
CA ALA A 7 3.85 1.71 -21.15
C ALA A 7 4.90 1.95 -20.07
N ASN A 8 4.77 3.08 -19.38
CA ASN A 8 5.72 3.42 -18.32
C ASN A 8 5.74 2.35 -17.21
N TYR A 9 4.56 2.02 -16.69
CA TYR A 9 4.47 1.03 -15.63
C TYR A 9 4.99 -0.29 -16.14
N GLU A 10 4.74 -0.58 -17.41
CA GLU A 10 5.25 -1.83 -17.97
C GLU A 10 6.77 -1.82 -17.89
N LYS A 11 7.36 -0.77 -18.48
CA LYS A 11 8.81 -0.62 -18.48
C LYS A 11 9.32 -0.82 -17.07
N LEU A 12 8.84 0.02 -16.14
CA LEU A 12 9.26 -0.03 -14.75
C LEU A 12 9.04 -1.38 -14.09
N GLN A 13 7.87 -1.99 -14.31
CA GLN A 13 7.61 -3.29 -13.72
C GLN A 13 8.67 -4.26 -14.17
N GLN A 14 8.96 -4.26 -15.47
CA GLN A 14 9.97 -5.15 -15.99
C GLN A 14 11.34 -4.78 -15.44
N LYS A 15 11.59 -3.49 -15.25
CA LYS A 15 12.88 -3.06 -14.71
C LYS A 15 13.05 -3.57 -13.30
N PHE A 16 12.03 -3.35 -12.47
CA PHE A 16 12.09 -3.79 -11.08
C PHE A 16 12.33 -5.29 -11.02
N GLN A 17 11.57 -6.06 -11.80
CA GLN A 17 11.71 -7.52 -11.82
C GLN A 17 13.15 -7.98 -12.05
N LEU A 19 15.89 -6.19 -11.50
CA LEU A 19 16.71 -5.75 -10.39
C LEU A 19 16.57 -6.77 -9.27
N SER A 21 16.18 -9.56 -9.43
CA SER A 21 16.78 -10.81 -9.88
C SER A 21 18.29 -10.71 -9.92
N LYS A 22 18.80 -9.56 -10.36
CA LYS A 22 20.23 -9.34 -10.42
C LYS A 22 20.79 -9.42 -9.01
N HIS A 23 20.25 -8.62 -8.11
CA HIS A 23 20.72 -8.59 -6.73
C HIS A 23 20.07 -9.64 -5.84
N GLN A 24 18.86 -10.06 -6.18
CA GLN A 24 18.13 -11.08 -5.42
C GLN A 24 18.00 -10.78 -3.94
N ALA A 25 18.78 -11.48 -3.12
CA ALA A 25 18.76 -11.29 -1.68
C ALA A 25 18.78 -9.82 -1.27
N HIS A 26 19.76 -9.08 -1.78
CA HIS A 26 19.93 -7.67 -1.48
C HIS A 26 18.81 -6.81 -2.05
N VAL A 27 18.33 -5.87 -1.24
CA VAL A 27 17.26 -4.95 -1.63
C VAL A 27 17.75 -3.49 -1.68
N ARG A 28 18.82 -3.21 -0.94
CA ARG A 28 19.42 -1.89 -0.90
C ARG A 28 19.68 -1.32 -2.31
N PRO A 29 20.31 -2.12 -3.20
CA PRO A 29 20.61 -1.72 -4.58
C PRO A 29 19.40 -1.53 -5.51
N GLN A 30 18.37 -2.35 -5.34
CA GLN A 30 17.20 -2.22 -6.20
C GLN A 30 16.56 -0.84 -6.05
N PHE A 31 16.51 -0.35 -4.82
CA PHE A 31 15.92 0.97 -4.62
C PHE A 31 16.89 2.12 -4.83
N GLU A 32 18.19 1.91 -4.60
CA GLU A 32 19.13 2.99 -4.86
C GLU A 32 19.02 3.24 -6.36
N SER A 33 18.66 2.18 -7.09
CA SER A 33 18.50 2.26 -8.54
C SER A 33 17.22 3.01 -8.93
N LEU A 34 16.09 2.65 -8.30
CA LEU A 34 14.83 3.31 -8.59
C LEU A 34 14.89 4.77 -8.17
N GLU A 35 15.72 5.08 -7.18
CA GLU A 35 15.83 6.46 -6.70
C GLU A 35 16.50 7.40 -7.71
N LYS A 36 17.22 6.85 -8.68
CA LYS A 36 17.82 7.70 -9.70
C LYS A 36 16.65 8.33 -10.47
N ILE A 37 15.64 7.51 -10.77
CA ILE A 37 14.45 7.97 -11.49
C ILE A 37 13.78 9.06 -10.66
N ASN A 38 13.51 8.74 -9.40
CA ASN A 38 12.88 9.69 -8.48
C ASN A 38 13.25 9.33 -7.04
N LYS A 39 13.87 10.28 -6.35
CA LYS A 39 14.30 10.09 -4.97
C LYS A 39 13.11 9.84 -4.04
N ASP A 40 11.91 10.21 -4.47
CA ASP A 40 10.73 10.02 -3.65
C ASP A 40 10.13 8.61 -3.71
N ILE A 41 10.77 7.71 -4.46
CA ILE A 41 10.28 6.34 -4.55
C ILE A 41 10.87 5.61 -3.35
N VAL A 42 10.02 5.29 -2.39
CA VAL A 42 10.46 4.65 -1.16
C VAL A 42 10.14 3.16 -1.00
N GLY A 43 9.50 2.55 -2.00
CA GLY A 43 9.18 1.14 -1.85
C GLY A 43 8.43 0.53 -3.02
N TRP A 44 8.12 -0.76 -2.92
CA TRP A 44 7.40 -1.42 -3.98
C TRP A 44 6.34 -2.33 -3.41
N ILE A 45 5.17 -2.36 -4.03
CA ILE A 45 4.09 -3.21 -3.58
C ILE A 45 3.65 -4.08 -4.75
N LYS A 46 3.55 -5.38 -4.51
CA LYS A 46 3.15 -6.31 -5.56
C LYS A 46 2.30 -7.45 -5.04
N LEU A 47 1.29 -7.83 -5.84
CA LEU A 47 0.39 -8.94 -5.52
C LEU A 47 0.38 -9.77 -6.80
N SER A 48 0.95 -10.97 -6.73
CA SER A 48 1.03 -11.81 -7.92
C SER A 48 -0.32 -12.22 -8.47
N GLY A 49 -0.39 -12.28 -9.80
CA GLY A 49 -1.61 -12.64 -10.49
C GLY A 49 -2.59 -11.50 -10.65
N THR A 50 -2.16 -10.29 -10.31
CA THR A 50 -3.05 -9.13 -10.40
C THR A 50 -2.29 -7.97 -11.00
N SER A 51 -2.99 -6.85 -11.17
CA SER A 51 -2.36 -5.66 -11.72
C SER A 51 -1.72 -4.81 -10.62
N LEU A 52 -1.83 -5.23 -9.36
CA LEU A 52 -1.23 -4.49 -8.26
C LEU A 52 0.27 -4.78 -8.28
N ASN A 53 1.03 -3.90 -8.92
CA ASN A 53 2.46 -4.09 -9.07
C ASN A 53 3.09 -2.75 -9.42
N TYR A 54 3.20 -1.88 -8.40
CA TYR A 54 3.72 -0.53 -8.59
C TYR A 54 4.72 -0.05 -7.53
N PRO A 55 5.41 1.06 -7.83
CA PRO A 55 6.38 1.61 -6.87
C PRO A 55 5.57 2.49 -5.92
N VAL A 56 6.03 2.62 -4.67
CA VAL A 56 5.33 3.44 -3.68
C VAL A 56 6.06 4.77 -3.46
N LEU A 57 5.31 5.88 -3.47
CA LEU A 57 5.86 7.23 -3.32
C LEU A 57 5.67 7.78 -1.91
N GLN A 58 6.34 8.91 -1.68
CA GLN A 58 6.25 9.63 -0.42
C GLN A 58 6.74 11.05 -0.66
N GLY A 59 5.91 12.04 -0.32
CA GLY A 59 6.30 13.42 -0.49
C GLY A 59 6.21 14.14 0.83
N LYS A 60 6.30 15.48 0.82
CA LYS A 60 6.22 16.24 2.07
C LYS A 60 4.78 16.22 2.59
N THR A 61 3.83 16.09 1.68
CA THR A 61 2.42 16.07 2.07
C THR A 61 1.67 14.86 1.51
N ASN A 62 0.43 14.68 1.95
CA ASN A 62 -0.40 13.58 1.50
C ASN A 62 -1.18 13.88 0.21
N HIS A 63 -0.80 14.95 -0.47
CA HIS A 63 -1.45 15.29 -1.73
C HIS A 63 -0.39 15.52 -2.80
N ASP A 64 0.86 15.33 -2.41
CA ASP A 64 1.99 15.52 -3.30
C ASP A 64 1.92 14.59 -4.50
N TYR A 65 1.65 13.31 -4.26
CA TYR A 65 1.59 12.38 -5.37
C TYR A 65 0.18 11.91 -5.71
N LEU A 66 -0.80 12.67 -5.24
CA LEU A 66 -2.19 12.36 -5.51
C LEU A 66 -2.41 12.30 -7.02
N ASN A 67 -1.98 13.34 -7.72
CA ASN A 67 -2.16 13.41 -9.15
C ASN A 67 -0.84 13.45 -9.93
N LEU A 68 0.16 12.72 -9.44
CA LEU A 68 1.48 12.64 -10.07
C LEU A 68 1.97 11.20 -10.09
N ASP A 69 2.58 10.78 -11.20
CA ASP A 69 3.10 9.42 -11.28
C ASP A 69 4.53 9.46 -10.74
N PHE A 70 5.25 8.36 -10.83
CA PHE A 70 6.61 8.29 -10.29
C PHE A 70 7.68 9.17 -10.94
N GLU A 71 7.42 9.68 -12.14
CA GLU A 71 8.39 10.53 -12.80
C GLU A 71 7.90 11.97 -12.74
N ARG A 72 6.96 12.21 -11.82
CA ARG A 72 6.39 13.53 -11.60
C ARG A 72 5.65 14.17 -12.78
N GLU A 73 4.85 13.37 -13.47
CA GLU A 73 4.03 13.83 -14.59
C GLU A 73 2.61 13.88 -14.04
N HIS A 74 1.81 14.84 -14.50
CA HIS A 74 0.44 14.91 -14.01
C HIS A 74 -0.38 13.78 -14.62
N ARG A 75 -1.16 13.11 -13.79
CA ARG A 75 -2.00 11.97 -14.21
C ARG A 75 -3.18 11.89 -13.25
N ARG A 76 -4.36 11.59 -13.79
CA ARG A 76 -5.52 11.49 -12.93
C ARG A 76 -5.37 10.40 -11.87
N LYS A 77 -4.62 9.36 -12.20
CA LYS A 77 -4.43 8.24 -11.27
C LYS A 77 -3.25 8.38 -10.30
N GLY A 78 -2.49 9.46 -10.44
CA GLY A 78 -1.37 9.70 -9.56
C GLY A 78 -0.42 8.53 -9.37
N SER A 79 -0.22 8.15 -8.12
CA SER A 79 0.67 7.05 -7.76
C SER A 79 0.16 6.39 -6.50
N ILE A 80 0.83 5.33 -6.09
CA ILE A 80 0.50 4.67 -4.86
C ILE A 80 1.50 5.38 -3.95
N PHE A 81 1.02 6.05 -2.91
CA PHE A 81 1.91 6.79 -2.03
C PHE A 81 1.69 6.59 -0.56
N ASP A 83 1.87 7.55 3.51
CA ASP A 83 1.51 8.73 4.28
C ASP A 83 2.79 9.50 4.57
N PHE A 84 2.74 10.81 4.42
CA PHE A 84 3.92 11.65 4.63
C PHE A 84 4.46 11.54 6.06
N ARG A 85 3.65 10.99 6.96
CA ARG A 85 4.06 10.86 8.36
C ARG A 85 4.87 9.62 8.63
N ASN A 86 4.57 8.55 7.91
CA ASN A 86 5.28 7.30 8.13
C ASN A 86 6.80 7.31 7.97
N GLU A 87 7.43 6.31 8.59
CA GLU A 87 8.89 6.14 8.60
C GLU A 87 9.36 5.01 7.69
N LEU A 88 10.38 5.29 6.88
CA LEU A 88 10.92 4.29 5.98
C LEU A 88 11.80 3.31 6.75
N LYS A 89 12.83 3.84 7.40
CA LYS A 89 13.78 3.02 8.18
C LYS A 89 13.09 2.10 9.18
N ASN A 90 12.62 2.68 10.27
CA ASN A 90 11.95 1.91 11.32
C ASN A 90 10.45 2.16 11.28
N LEU A 91 9.73 1.19 10.74
CA LEU A 91 8.27 1.30 10.62
C LEU A 91 7.56 1.72 11.90
N ASN A 92 6.40 2.35 11.72
CA ASN A 92 5.55 2.79 12.82
C ASN A 92 4.65 1.57 13.07
N HIS A 93 3.69 1.70 13.98
CA HIS A 93 2.77 0.58 14.21
C HIS A 93 1.90 0.37 13.00
N ASN A 94 1.49 1.47 12.37
CA ASN A 94 0.61 1.42 11.21
C ASN A 94 1.12 2.31 10.09
N THR A 95 1.55 1.66 9.00
CA THR A 95 2.07 2.34 7.81
C THR A 95 0.93 2.47 6.83
N ILE A 96 0.56 3.70 6.49
CA ILE A 96 -0.54 3.89 5.55
C ILE A 96 -0.05 4.11 4.12
N LEU A 97 -0.82 3.55 3.19
CA LEU A 97 -0.53 3.66 1.76
C LEU A 97 -1.83 4.04 1.09
N TYR A 98 -1.79 4.94 0.12
CA TYR A 98 -2.99 5.35 -0.59
C TYR A 98 -2.82 5.20 -2.11
N GLY A 99 -3.93 5.11 -2.81
CA GLY A 99 -3.89 4.97 -4.26
C GLY A 99 -5.30 5.05 -4.85
N HIS A 100 -5.41 5.46 -6.12
CA HIS A 100 -6.70 5.60 -6.78
C HIS A 100 -7.47 4.32 -7.09
N HIS A 101 -8.75 4.53 -7.35
CA HIS A 101 -9.70 3.47 -7.65
C HIS A 101 -10.64 3.98 -8.74
N VAL A 102 -10.10 4.24 -9.93
CA VAL A 102 -10.95 4.75 -11.00
C VAL A 102 -11.74 3.68 -11.74
N GLY A 103 -11.51 2.42 -11.39
CA GLY A 103 -12.25 1.33 -12.00
C GLY A 103 -11.81 0.78 -13.36
N ASP A 104 -10.51 0.62 -13.57
CA ASP A 104 -10.02 0.08 -14.83
C ASP A 104 -8.92 -0.93 -14.59
N ASN A 105 -8.95 -1.57 -13.42
CA ASN A 105 -7.96 -2.57 -13.04
C ASN A 105 -6.53 -2.04 -12.97
N THR A 106 -6.36 -0.91 -12.29
CA THR A 106 -5.04 -0.32 -12.13
C THR A 106 -4.95 0.23 -10.72
N PHE A 108 -5.09 0.99 -7.19
CA PHE A 108 -5.75 0.27 -6.14
C PHE A 108 -7.14 -0.23 -6.45
N ASP A 109 -7.41 -0.57 -7.70
CA ASP A 109 -8.74 -1.11 -8.03
C ASP A 109 -8.90 -2.48 -7.39
N VAL A 110 -7.80 -3.22 -7.36
CA VAL A 110 -7.81 -4.57 -6.80
C VAL A 110 -8.22 -4.66 -5.34
N LEU A 111 -8.19 -3.55 -4.60
CA LEU A 111 -8.59 -3.62 -3.18
C LEU A 111 -10.03 -4.07 -3.00
N GLU A 112 -10.89 -3.66 -3.93
CA GLU A 112 -12.29 -4.00 -3.90
C GLU A 112 -12.50 -5.49 -3.90
N ASP A 113 -11.62 -6.19 -4.62
CA ASP A 113 -11.67 -7.64 -4.72
C ASP A 113 -11.55 -8.32 -3.37
N TYR A 114 -10.78 -7.73 -2.47
CA TYR A 114 -10.60 -8.30 -1.14
C TYR A 114 -11.86 -8.28 -0.28
N LEU A 115 -12.95 -7.75 -0.80
CA LEU A 115 -14.19 -7.73 -0.05
C LEU A 115 -14.85 -9.10 -0.17
N LYS A 116 -14.41 -9.88 -1.16
CA LYS A 116 -14.89 -11.24 -1.39
C LYS A 116 -13.94 -12.24 -0.69
N GLN A 117 -14.50 -13.12 0.15
CA GLN A 117 -13.68 -14.11 0.87
C GLN A 117 -12.91 -14.98 -0.11
N SER A 118 -13.60 -15.43 -1.15
CA SER A 118 -12.98 -16.25 -2.17
C SER A 118 -11.66 -15.62 -2.59
N PHE A 119 -11.74 -14.39 -3.09
CA PHE A 119 -10.57 -13.64 -3.54
C PHE A 119 -9.53 -13.53 -2.42
N TYR A 120 -9.98 -13.20 -1.22
CA TYR A 120 -9.04 -13.08 -0.11
C TYR A 120 -8.28 -14.41 -0.01
N GLU A 121 -9.02 -15.51 -0.05
CA GLU A 121 -8.41 -16.84 0.07
C GLU A 121 -7.24 -17.04 -0.90
N LYS A 122 -7.48 -16.76 -2.17
CA LYS A 122 -6.47 -16.94 -3.19
C LYS A 122 -5.35 -15.91 -3.16
N HIS A 123 -5.47 -14.89 -2.32
CA HIS A 123 -4.47 -13.82 -2.26
C HIS A 123 -4.13 -13.33 -0.85
N LYS A 124 -3.90 -14.27 0.06
CA LYS A 124 -3.59 -13.93 1.44
C LYS A 124 -2.34 -13.11 1.69
N ILE A 125 -1.43 -13.06 0.72
CA ILE A 125 -0.17 -12.35 0.91
C ILE A 125 0.18 -11.33 -0.17
N ILE A 126 0.65 -10.16 0.27
CA ILE A 126 1.06 -9.09 -0.64
C ILE A 126 2.52 -8.75 -0.34
N GLU A 127 3.32 -8.58 -1.38
CA GLU A 127 4.73 -8.26 -1.25
C GLU A 127 4.99 -6.76 -1.12
N PHE A 128 5.84 -6.38 -0.18
CA PHE A 128 6.21 -4.98 -0.03
C PHE A 128 7.71 -4.93 0.22
N ASP A 129 8.43 -4.15 -0.60
CA ASP A 129 9.88 -4.06 -0.45
C ASP A 129 10.34 -2.62 -0.50
N ASN A 130 11.45 -2.33 0.19
CA ASN A 130 12.03 -1.00 0.19
C ASN A 130 13.53 -1.08 0.41
N LYS A 131 14.16 0.07 0.52
CA LYS A 131 15.60 0.16 0.71
C LYS A 131 16.16 -0.58 1.93
N TYR A 132 15.31 -0.90 2.91
CA TYR A 132 15.79 -1.57 4.12
C TYR A 132 15.39 -3.00 4.41
N GLY A 133 14.65 -3.63 3.50
CA GLY A 133 14.27 -5.01 3.77
C GLY A 133 13.11 -5.49 2.92
N LYS A 134 12.86 -6.79 2.97
CA LYS A 134 11.76 -7.38 2.22
C LYS A 134 10.65 -7.62 3.25
N TYR A 135 9.41 -7.32 2.88
CA TYR A 135 8.31 -7.54 3.82
C TYR A 135 7.18 -8.28 3.15
N GLN A 136 6.40 -8.94 3.97
CA GLN A 136 5.26 -9.71 3.51
C GLN A 136 4.03 -9.15 4.22
N LEU A 137 3.02 -8.79 3.44
CA LEU A 137 1.78 -8.25 3.98
C LEU A 137 0.76 -9.36 4.15
N GLN A 138 0.39 -9.63 5.39
CA GLN A 138 -0.59 -10.68 5.65
C GLN A 138 -1.97 -10.06 5.86
N VAL A 139 -2.81 -10.11 4.83
CA VAL A 139 -4.13 -9.52 4.92
C VAL A 139 -4.99 -10.18 5.98
N PHE A 140 -5.64 -9.37 6.82
CA PHE A 140 -6.51 -9.95 7.85
C PHE A 140 -7.85 -9.23 7.98
N SER A 141 -7.99 -8.10 7.30
CA SER A 141 -9.22 -7.32 7.34
C SER A 141 -9.42 -6.49 6.07
N ALA A 142 -10.65 -6.52 5.56
CA ALA A 142 -11.03 -5.76 4.36
C ALA A 142 -12.46 -5.24 4.59
N TYR A 143 -12.68 -3.96 4.32
CA TYR A 143 -14.00 -3.36 4.51
C TYR A 143 -14.19 -2.05 3.76
N LYS A 144 -15.45 -1.63 3.62
CA LYS A 144 -15.78 -0.37 2.97
C LYS A 144 -16.01 0.63 4.11
N THR A 145 -15.69 1.88 3.90
CA THR A 145 -15.87 2.86 4.98
C THR A 145 -16.31 4.24 4.49
N THR A 146 -16.97 4.98 5.39
CA THR A 146 -17.45 6.33 5.07
C THR A 146 -16.60 7.37 5.80
N THR A 147 -16.06 6.98 6.95
CA THR A 147 -15.23 7.87 7.75
C THR A 147 -13.93 8.17 7.04
N LYS A 148 -13.24 9.25 7.40
CA LYS A 148 -12.02 9.70 6.76
C LYS A 148 -10.85 9.62 7.73
N ASP A 149 -11.08 9.32 9.03
CA ASP A 149 -10.00 9.18 10.00
C ASP A 149 -9.98 7.84 10.72
N ASN A 150 -9.36 7.83 11.90
CA ASN A 150 -9.21 6.64 12.74
C ASN A 150 -8.31 5.59 12.11
N TYR A 151 -8.71 5.06 10.96
CA TYR A 151 -7.90 4.04 10.29
C TYR A 151 -6.65 4.66 9.65
N ILE A 152 -6.50 5.98 9.85
CA ILE A 152 -5.38 6.77 9.34
C ILE A 152 -4.44 7.16 10.50
N ARG A 153 -4.31 6.27 11.49
CA ARG A 153 -3.45 6.55 12.64
C ARG A 153 -2.07 5.87 12.51
N THR A 154 -1.05 6.71 12.43
CA THR A 154 0.32 6.25 12.28
C THR A 154 0.83 5.51 13.50
N ASP A 155 1.10 6.26 14.57
CA ASP A 155 1.61 5.67 15.81
C ASP A 155 0.49 5.73 16.85
N PHE A 156 0.66 5.02 17.96
CA PHE A 156 -0.34 5.00 19.01
C PHE A 156 0.13 5.48 20.38
N GLU A 157 -0.82 5.54 21.32
CA GLU A 157 -0.53 5.97 22.68
C GLU A 157 0.08 4.84 23.52
N ASN A 158 -0.58 3.69 23.56
CA ASN A 158 -0.09 2.55 24.34
C ASN A 158 -0.75 1.25 23.91
N ASP A 159 -0.23 0.13 24.41
CA ASP A 159 -0.76 -1.18 24.05
C ASP A 159 -2.26 -1.30 24.17
N GLN A 160 -2.84 -0.69 25.20
CA GLN A 160 -4.29 -0.73 25.37
C GLN A 160 -4.93 -0.01 24.19
N ASP A 161 -4.48 1.23 23.96
CA ASP A 161 -4.98 2.06 22.86
C ASP A 161 -4.84 1.40 21.48
N TYR A 162 -3.73 0.69 21.28
CA TYR A 162 -3.46 0.00 20.02
C TYR A 162 -4.28 -1.25 19.93
N GLN A 163 -4.43 -1.95 21.05
CA GLN A 163 -5.20 -3.17 21.09
C GLN A 163 -6.60 -2.92 20.56
N GLN A 164 -7.19 -1.78 20.93
CA GLN A 164 -8.53 -1.43 20.48
C GLN A 164 -8.59 -1.31 18.96
N PHE A 165 -7.60 -0.62 18.39
CA PHE A 165 -7.53 -0.41 16.96
C PHE A 165 -7.53 -1.74 16.24
N LEU A 166 -6.71 -2.67 16.71
CA LEU A 166 -6.66 -3.96 16.06
C LEU A 166 -8.01 -4.63 16.19
N ASP A 167 -8.60 -4.53 17.38
CA ASP A 167 -9.89 -5.16 17.60
C ASP A 167 -10.99 -4.62 16.70
N GLU A 168 -11.02 -3.30 16.52
CA GLU A 168 -12.05 -2.71 15.68
C GLU A 168 -11.80 -3.12 14.24
N THR A 169 -10.54 -3.03 13.82
CA THR A 169 -10.13 -3.40 12.47
C THR A 169 -10.66 -4.78 12.16
N LYS A 170 -10.54 -5.68 13.14
CA LYS A 170 -10.97 -7.04 12.93
C LYS A 170 -12.48 -7.11 12.86
N ARG A 171 -13.14 -6.37 13.75
CA ARG A 171 -14.60 -6.37 13.80
C ARG A 171 -15.22 -5.81 12.53
N LYS A 172 -14.54 -4.84 11.92
CA LYS A 172 -15.04 -4.21 10.70
C LYS A 172 -14.86 -5.06 9.46
N SER A 173 -13.95 -6.02 9.49
CA SER A 173 -13.69 -6.85 8.30
C SER A 173 -14.88 -7.65 7.81
N VAL A 174 -14.99 -7.75 6.50
CA VAL A 174 -16.08 -8.49 5.90
C VAL A 174 -15.56 -9.81 5.32
N ILE A 175 -14.41 -10.26 5.81
CA ILE A 175 -13.83 -11.52 5.34
C ILE A 175 -13.15 -12.21 6.53
N ASN A 176 -13.21 -13.55 6.56
CA ASN A 176 -12.60 -14.31 7.66
C ASN A 176 -11.13 -14.62 7.39
N SER A 177 -10.28 -14.24 8.32
CA SER A 177 -8.86 -14.49 8.19
C SER A 177 -8.34 -15.32 9.35
N ASP A 178 -7.43 -16.25 9.02
CA ASP A 178 -6.81 -17.13 10.00
C ASP A 178 -5.50 -16.54 10.51
N VAL A 179 -5.20 -15.31 10.10
CA VAL A 179 -3.96 -14.65 10.52
C VAL A 179 -4.14 -14.29 11.99
N ASN A 180 -3.08 -13.86 12.66
CA ASN A 180 -3.17 -13.50 14.07
C ASN A 180 -2.32 -12.27 14.31
N VAL A 181 -2.95 -11.18 14.74
CA VAL A 181 -2.22 -9.94 14.98
C VAL A 181 -2.21 -9.57 16.45
N THR A 182 -1.18 -8.86 16.90
CA THR A 182 -1.10 -8.48 18.30
C THR A 182 -0.45 -7.12 18.47
N VAL A 183 -0.44 -6.63 19.69
CA VAL A 183 0.14 -5.33 19.99
C VAL A 183 1.65 -5.38 19.75
N LYS A 184 2.15 -6.59 19.47
CA LYS A 184 3.57 -6.80 19.20
C LYS A 184 3.84 -6.40 17.75
N ASP A 185 3.10 -7.06 16.85
CA ASP A 185 3.18 -6.86 15.42
C ASP A 185 2.98 -5.42 14.94
N ARG A 186 3.48 -5.15 13.74
CA ARG A 186 3.32 -3.84 13.09
C ARG A 186 2.33 -4.11 11.95
N ILE A 187 1.50 -3.13 11.60
CA ILE A 187 0.53 -3.35 10.51
C ILE A 187 0.66 -2.34 9.37
N THR A 189 -1.77 -0.44 6.32
CA THR A 189 -3.12 -0.15 5.83
C THR A 189 -3.08 0.29 4.37
N LEU A 190 -3.97 -0.27 3.57
CA LEU A 190 -4.04 0.12 2.17
C LEU A 190 -5.42 0.74 2.03
N SER A 191 -5.47 1.98 1.57
CA SER A 191 -6.74 2.67 1.43
C SER A 191 -6.90 3.31 0.06
N THR A 192 -8.06 3.35 -0.41
CA THR A 192 -8.28 4.01 -1.71
C THR A 192 -8.38 5.52 -1.46
N CYS A 193 -8.29 6.29 -2.54
CA CYS A 193 -8.29 7.74 -2.44
C CYS A 193 -9.00 8.40 -3.63
N GLU A 194 -9.78 9.42 -3.36
CA GLU A 194 -10.47 10.13 -4.43
C GLU A 194 -9.66 11.41 -4.61
N ASP A 195 -9.84 11.96 -5.87
CA ASP A 195 -9.12 13.22 -6.12
C ASP A 195 -9.45 14.23 -5.02
N ALA A 196 -8.61 15.26 -4.90
CA ALA A 196 -8.81 16.30 -3.90
C ALA A 196 -10.11 17.08 -4.14
N TYR A 197 -10.92 17.20 -3.10
CA TYR A 197 -12.20 17.92 -3.17
C TYR A 197 -13.26 17.10 -3.90
N SER A 198 -12.93 15.85 -4.22
CA SER A 198 -13.84 14.94 -4.91
C SER A 198 -14.61 14.14 -3.88
N GLU A 199 -15.58 14.79 -3.24
CA GLU A 199 -16.38 14.15 -2.21
C GLU A 199 -16.91 12.76 -2.59
N THR A 200 -16.80 11.83 -1.66
CA THR A 200 -17.27 10.46 -1.83
C THR A 200 -17.09 9.74 -0.50
N THR A 201 -18.20 9.38 0.11
CA THR A 201 -18.15 8.70 1.40
C THR A 201 -17.81 7.22 1.23
N LYS A 202 -17.39 6.84 0.03
CA LYS A 202 -17.07 5.44 -0.25
C LYS A 202 -15.58 5.14 -0.40
N ARG A 203 -14.98 4.54 0.63
CA ARG A 203 -13.57 4.16 0.57
C ARG A 203 -13.38 2.68 0.90
N ILE A 204 -12.37 2.07 0.28
CA ILE A 204 -12.07 0.67 0.55
C ILE A 204 -10.73 0.63 1.26
N VAL A 205 -10.71 -0.12 2.37
CA VAL A 205 -9.55 -0.28 3.21
C VAL A 205 -9.15 -1.75 3.40
N VAL A 206 -7.86 -2.02 3.31
CA VAL A 206 -7.32 -3.36 3.51
C VAL A 206 -6.18 -3.21 4.51
N VAL A 207 -6.21 -4.04 5.57
CA VAL A 207 -5.18 -3.98 6.62
C VAL A 207 -4.45 -5.31 6.70
N ALA A 208 -3.13 -5.26 6.85
CA ALA A 208 -2.36 -6.51 6.90
C ALA A 208 -1.27 -6.51 7.96
N LYS A 209 -0.89 -7.69 8.42
CA LYS A 209 0.20 -7.79 9.40
C LYS A 209 1.51 -7.66 8.59
N ILE A 210 2.39 -6.78 9.02
CA ILE A 210 3.67 -6.54 8.32
C ILE A 210 4.81 -7.45 8.78
N ILE A 211 5.16 -8.42 7.95
CA ILE A 211 6.24 -9.36 8.27
C ILE A 211 7.56 -9.08 7.53
N LYS A 212 8.61 -8.74 8.28
CA LYS A 212 9.92 -8.52 7.64
C LYS A 212 10.56 -9.88 7.36
N VAL A 213 10.65 -10.26 6.09
CA VAL A 213 11.23 -11.55 5.69
C VAL A 213 12.70 -11.48 5.30
N SER A 214 13.42 -10.49 5.82
CA SER A 214 14.83 -10.33 5.49
C SER A 214 15.63 -9.83 6.70
#